data_2O2J
#
_entry.id   2O2J
#
_cell.length_a   83.823
_cell.length_b   114.966
_cell.length_c   159.270
_cell.angle_alpha   90.00
_cell.angle_beta   90.00
_cell.angle_gamma   90.00
#
_symmetry.space_group_name_H-M   'C 2 2 21'
#
loop_
_entity.id
_entity.type
_entity.pdbx_description
1 polymer 'Tryptophan synthase beta chain'
2 water water
#
_entity_poly.entity_id   1
_entity_poly.type   'polypeptide(L)'
_entity_poly.pdbx_seq_one_letter_code
;MMTDLSTPDLPRMSAAIAEPTSHDPDSGGHFGGPSGWGGRYVPEALMAVIEEVTAAYQKERVSQDFLDDLDRLQANYAGR
PSPLYEATRLSQHAGSARIFLKREDLNHTGSHKINNVLGQALLARRMGKTRVIAETGAGQHGVATATACALLGLDCVIYM
GGIDTARQALNVARMRLLGAEVVAVQTGSKTLKDAINEAFRDWVANADNTYYCFGTAAGPHPFPTMVRDFQRIIGMEARV
QIQGQAGRLPDAVVACVGGGSNAIGIFHAFLDDPGVRLVGFEAAGDGVETGRHAATFTAGSPGAFHGSFSYLLQDEDGQT
IESHSISAGLDYPGVGPEHAWLKEAGRVDYRPITDSEAMDAFGLLCRMEGIIPAIESAHAVAGALKLGVELGRGAVIVVN
LSGRGDKDVETAAKWFGLLGND
;
_entity_poly.pdbx_strand_id   A,B
#
# COMPACT_ATOMS: atom_id res chain seq x y z
N TYR A 41 34.87 12.71 -3.05
CA TYR A 41 33.69 12.28 -2.30
C TYR A 41 33.95 11.23 -1.21
N VAL A 42 34.22 9.98 -1.54
CA VAL A 42 34.53 9.02 -0.47
C VAL A 42 35.99 9.14 0.05
N PRO A 43 36.23 9.51 1.35
CA PRO A 43 37.59 9.39 2.02
C PRO A 43 38.37 8.07 1.86
N GLU A 44 39.66 8.16 1.57
CA GLU A 44 40.41 6.92 1.21
C GLU A 44 40.46 5.94 2.34
N ALA A 45 40.56 6.47 3.57
CA ALA A 45 40.70 5.66 4.82
C ALA A 45 39.62 4.56 4.91
N LEU A 46 38.53 4.74 4.13
CA LEU A 46 37.36 3.87 4.05
C LEU A 46 37.54 2.65 3.20
N MET A 47 38.64 2.55 2.45
CA MET A 47 38.70 1.59 1.33
C MET A 47 38.84 0.13 1.76
N ALA A 48 39.70 -0.18 2.75
CA ALA A 48 39.88 -1.51 3.29
C ALA A 48 38.47 -2.07 3.66
N VAL A 49 37.60 -1.13 4.09
CA VAL A 49 36.23 -1.39 4.65
C VAL A 49 35.12 -1.48 3.60
N ILE A 50 35.04 -0.52 2.67
CA ILE A 50 34.16 -0.68 1.52
C ILE A 50 34.33 -1.98 0.79
N GLU A 51 35.58 -2.36 0.52
CA GLU A 51 35.99 -3.67 -0.02
C GLU A 51 35.38 -4.94 0.61
N GLU A 52 35.36 -4.92 1.94
CA GLU A 52 34.93 -6.06 2.77
C GLU A 52 33.43 -6.27 2.59
N VAL A 53 32.67 -5.17 2.62
CA VAL A 53 31.24 -5.18 2.26
C VAL A 53 31.13 -5.69 0.82
N THR A 54 32.07 -5.21 -0.01
CA THR A 54 32.00 -5.51 -1.40
C THR A 54 32.27 -6.97 -1.57
N ALA A 55 33.18 -7.56 -0.75
CA ALA A 55 33.54 -8.99 -0.89
C ALA A 55 32.38 -9.86 -0.44
N ALA A 56 31.88 -9.51 0.76
CA ALA A 56 30.73 -10.11 1.35
C ALA A 56 29.57 -9.96 0.47
N TYR A 57 29.26 -8.76 -0.03
CA TYR A 57 27.99 -8.78 -0.75
C TYR A 57 28.12 -9.63 -2.04
N GLN A 58 29.31 -9.63 -2.65
CA GLN A 58 29.54 -10.32 -3.89
C GLN A 58 29.30 -11.82 -3.62
N LYS A 59 29.87 -12.31 -2.52
CA LYS A 59 29.36 -13.56 -1.92
C LYS A 59 27.79 -13.73 -1.87
N GLU A 60 27.02 -12.92 -1.15
CA GLU A 60 25.61 -13.27 -1.09
C GLU A 60 24.82 -12.99 -2.41
N ARG A 61 25.46 -12.29 -3.35
CA ARG A 61 24.73 -11.94 -4.58
C ARG A 61 24.38 -13.21 -5.43
N VAL A 62 25.35 -13.66 -6.26
CA VAL A 62 25.61 -15.06 -6.71
C VAL A 62 24.61 -16.17 -6.17
N SER A 63 24.60 -16.41 -4.83
CA SER A 63 23.62 -17.27 -4.00
C SER A 63 22.09 -17.07 -3.97
N GLN A 64 21.37 -18.19 -4.00
CA GLN A 64 19.90 -18.19 -3.84
C GLN A 64 19.42 -17.90 -2.42
N ASP A 65 20.28 -18.00 -1.41
CA ASP A 65 19.75 -17.95 -0.06
C ASP A 65 19.42 -16.52 0.37
N PHE A 66 19.92 -15.56 -0.35
CA PHE A 66 19.83 -14.26 0.18
C PHE A 66 18.53 -13.74 -0.16
N LEU A 67 18.24 -13.63 -1.46
CA LEU A 67 17.05 -12.93 -1.91
C LEU A 67 15.75 -13.63 -1.47
N ASP A 68 15.89 -14.85 -0.92
CA ASP A 68 14.73 -15.57 -0.39
C ASP A 68 14.59 -15.16 1.05
N ASP A 69 15.69 -14.89 1.72
CA ASP A 69 15.58 -14.49 3.13
C ASP A 69 15.06 -13.05 3.26
N LEU A 70 15.29 -12.26 2.20
CA LEU A 70 14.97 -10.91 2.22
C LEU A 70 13.50 -10.92 1.79
N ASP A 71 13.18 -11.77 0.81
CA ASP A 71 11.75 -12.07 0.50
C ASP A 71 10.93 -12.42 1.75
N ARG A 72 11.36 -13.34 2.58
CA ARG A 72 10.62 -13.69 3.78
C ARG A 72 10.49 -12.47 4.66
N LEU A 73 11.62 -11.86 4.96
CA LEU A 73 11.71 -10.70 5.82
C LEU A 73 10.85 -9.51 5.34
N GLN A 74 10.77 -9.36 4.05
CA GLN A 74 10.00 -8.23 3.79
C GLN A 74 8.49 -8.61 3.55
N ALA A 75 8.19 -9.91 3.61
CA ALA A 75 6.79 -10.36 3.27
C ALA A 75 5.77 -9.75 4.24
N ASN A 76 4.84 -9.03 3.69
CA ASN A 76 3.69 -8.51 4.45
C ASN A 76 4.04 -7.37 5.35
N TYR A 77 5.27 -6.88 5.24
CA TYR A 77 5.76 -5.82 6.12
C TYR A 77 5.35 -4.41 5.67
N ALA A 78 6.01 -3.90 4.63
CA ALA A 78 5.82 -2.53 4.22
C ALA A 78 5.69 -2.84 2.73
N GLY A 79 4.60 -3.40 2.31
CA GLY A 79 4.01 -3.21 1.00
C GLY A 79 4.43 -4.28 0.01
N ARG A 80 5.38 -5.12 0.41
CA ARG A 80 5.85 -6.21 -0.44
C ARG A 80 5.12 -7.37 0.10
N PRO A 81 4.70 -8.31 -0.76
CA PRO A 81 4.80 -8.35 -2.21
C PRO A 81 3.76 -7.41 -2.74
N SER A 82 4.00 -6.88 -3.92
CA SER A 82 3.05 -5.97 -4.55
C SER A 82 2.14 -6.74 -5.47
N PRO A 83 1.00 -6.18 -5.78
CA PRO A 83 -0.11 -6.96 -6.28
C PRO A 83 0.01 -7.25 -7.75
N LEU A 84 -0.50 -8.39 -8.17
CA LEU A 84 -0.56 -8.73 -9.56
C LEU A 84 -2.01 -8.67 -9.99
N TYR A 85 -2.38 -7.72 -10.84
CA TYR A 85 -3.84 -7.57 -11.07
C TYR A 85 -4.22 -8.10 -12.40
N GLU A 86 -5.18 -9.02 -12.47
CA GLU A 86 -5.58 -9.47 -13.80
C GLU A 86 -6.44 -8.38 -14.41
N ALA A 87 -5.99 -7.77 -15.49
CA ALA A 87 -6.73 -6.61 -16.00
C ALA A 87 -7.71 -7.12 -16.98
N THR A 88 -8.78 -7.78 -16.48
CA THR A 88 -9.54 -8.57 -17.54
C THR A 88 -10.24 -7.71 -18.58
N ARG A 89 -10.43 -6.42 -18.40
CA ARG A 89 -11.01 -5.68 -19.53
C ARG A 89 -10.08 -5.35 -20.72
N LEU A 90 -8.78 -5.43 -20.54
CA LEU A 90 -7.82 -5.32 -21.65
C LEU A 90 -7.96 -6.48 -22.57
N SER A 91 -8.41 -7.62 -22.04
CA SER A 91 -8.28 -8.85 -22.88
C SER A 91 -8.83 -8.65 -24.30
N GLN A 92 -10.03 -8.15 -24.40
CA GLN A 92 -10.67 -7.77 -25.69
C GLN A 92 -9.68 -6.93 -26.64
N HIS A 93 -8.90 -5.98 -26.15
CA HIS A 93 -8.01 -5.16 -26.97
C HIS A 93 -6.65 -5.75 -27.06
N ALA A 94 -6.52 -7.11 -26.77
CA ALA A 94 -5.23 -7.83 -26.72
C ALA A 94 -5.21 -9.28 -27.25
N GLY A 95 -5.87 -9.49 -28.40
CA GLY A 95 -6.29 -10.79 -28.86
C GLY A 95 -6.93 -11.68 -27.82
N SER A 96 -7.48 -11.09 -26.75
CA SER A 96 -7.99 -11.90 -25.63
C SER A 96 -6.92 -12.86 -25.08
N ALA A 97 -5.67 -12.41 -25.14
CA ALA A 97 -4.70 -12.78 -24.14
C ALA A 97 -5.15 -12.40 -22.73
N ARG A 98 -4.39 -12.82 -21.71
CA ARG A 98 -4.75 -12.52 -20.35
C ARG A 98 -3.55 -11.67 -19.92
N ILE A 99 -3.86 -10.43 -19.51
CA ILE A 99 -2.84 -9.39 -19.16
C ILE A 99 -2.83 -9.14 -17.63
N PHE A 100 -1.75 -9.56 -16.95
CA PHE A 100 -1.55 -9.30 -15.53
C PHE A 100 -0.61 -8.14 -15.39
N LEU A 101 -0.95 -7.21 -14.48
CA LEU A 101 -0.30 -5.91 -14.32
C LEU A 101 0.39 -5.99 -13.02
N LYS A 102 1.72 -5.96 -13.00
CA LYS A 102 2.49 -6.04 -11.76
C LYS A 102 2.42 -4.71 -11.10
N ARG A 103 1.71 -4.57 -9.99
CA ARG A 103 1.44 -3.17 -9.57
C ARG A 103 2.46 -2.40 -8.71
N GLU A 104 3.68 -2.26 -9.17
CA GLU A 104 4.59 -1.28 -8.58
C GLU A 104 4.05 0.19 -8.56
N ASP A 105 2.94 0.46 -9.22
CA ASP A 105 2.47 1.83 -9.11
C ASP A 105 1.83 2.06 -7.74
N LEU A 106 1.37 0.99 -7.07
CA LEU A 106 0.71 1.12 -5.72
C LEU A 106 1.68 1.43 -4.55
N ASN A 107 2.99 1.34 -4.78
CA ASN A 107 3.97 1.58 -3.72
C ASN A 107 4.05 3.01 -3.25
N HIS A 108 3.53 3.17 -2.06
CA HIS A 108 3.87 4.33 -1.28
C HIS A 108 5.49 4.47 -1.20
N THR A 109 6.15 5.55 -1.70
CA THR A 109 7.69 5.64 -1.54
C THR A 109 7.90 5.85 -0.08
N GLY A 110 8.92 5.34 0.58
CA GLY A 110 8.84 5.51 2.08
C GLY A 110 8.64 4.16 2.75
N SER A 111 7.53 3.51 2.41
CA SER A 111 7.52 1.99 2.34
C SER A 111 8.51 1.38 1.24
N HIS A 112 8.93 2.18 0.25
CA HIS A 112 10.03 1.78 -0.62
C HIS A 112 11.44 1.88 0.00
N LYS A 113 11.75 2.96 0.70
CA LYS A 113 13.00 3.09 1.43
C LYS A 113 13.08 1.99 2.42
N ILE A 114 12.02 1.62 3.16
CA ILE A 114 12.20 0.48 4.11
C ILE A 114 12.52 -0.81 3.37
N ASN A 115 11.79 -0.99 2.31
CA ASN A 115 12.03 -2.17 1.60
C ASN A 115 13.45 -2.24 1.11
N ASN A 116 13.97 -1.15 0.54
CA ASN A 116 15.40 -1.09 0.07
C ASN A 116 16.32 -1.23 1.31
N VAL A 117 15.97 -0.66 2.46
CA VAL A 117 16.91 -0.63 3.56
C VAL A 117 16.91 -1.97 4.28
N LEU A 118 15.83 -2.70 4.12
CA LEU A 118 15.86 -3.94 4.79
C LEU A 118 17.00 -4.86 4.24
N GLY A 119 17.34 -4.69 2.96
CA GLY A 119 18.29 -5.57 2.37
C GLY A 119 19.67 -5.25 2.92
N GLN A 120 19.98 -4.00 3.19
CA GLN A 120 21.36 -3.80 3.73
C GLN A 120 21.49 -4.29 5.14
N ALA A 121 20.48 -3.99 5.91
CA ALA A 121 20.38 -4.52 7.22
C ALA A 121 20.45 -6.07 7.13
N LEU A 122 19.95 -6.65 6.03
CA LEU A 122 19.94 -8.06 6.04
C LEU A 122 21.34 -8.53 5.78
N LEU A 123 21.95 -7.84 4.86
CA LEU A 123 23.36 -8.05 4.54
C LEU A 123 24.30 -7.83 5.74
N ALA A 124 24.19 -6.68 6.43
CA ALA A 124 24.91 -6.46 7.70
C ALA A 124 24.80 -7.64 8.65
N ARG A 125 23.63 -8.27 8.70
CA ARG A 125 23.42 -9.32 9.74
C ARG A 125 24.22 -10.50 9.28
N ARG A 126 24.13 -10.80 7.99
CA ARG A 126 24.91 -11.89 7.49
C ARG A 126 26.44 -11.70 7.41
N MET A 127 26.99 -10.52 7.66
CA MET A 127 28.45 -10.39 7.81
C MET A 127 28.86 -10.69 9.25
N GLY A 128 27.87 -10.87 10.11
CA GLY A 128 28.14 -10.82 11.56
C GLY A 128 28.42 -9.45 12.16
N LYS A 129 28.07 -8.40 11.44
CA LYS A 129 28.09 -7.07 12.01
C LYS A 129 26.89 -6.99 12.93
N THR A 130 27.02 -6.35 14.09
CA THR A 130 25.92 -6.26 15.04
C THR A 130 25.37 -4.87 15.24
N ARG A 131 26.02 -3.82 14.74
CA ARG A 131 25.41 -2.50 14.95
C ARG A 131 25.48 -1.76 13.70
N VAL A 132 24.58 -0.80 13.48
CA VAL A 132 24.44 -0.16 12.16
C VAL A 132 24.30 1.29 12.35
N ILE A 133 24.86 2.07 11.47
CA ILE A 133 24.87 3.57 11.66
C ILE A 133 24.53 4.14 10.31
N ALA A 134 24.06 5.35 10.35
CA ALA A 134 23.83 5.97 9.10
C ALA A 134 23.70 7.42 9.44
N GLU A 135 23.41 8.27 8.46
CA GLU A 135 23.29 9.70 8.66
C GLU A 135 21.97 10.06 8.10
N THR A 136 21.43 11.25 8.41
CA THR A 136 20.22 11.71 7.68
C THR A 136 19.92 13.23 7.62
N GLY A 137 19.09 13.74 6.66
CA GLY A 137 18.73 15.17 6.65
C GLY A 137 17.47 15.66 7.44
N ALA A 138 16.31 15.71 6.75
CA ALA A 138 15.00 15.69 7.46
C ALA A 138 14.79 14.40 8.30
N GLY A 139 15.53 13.34 7.95
CA GLY A 139 15.60 12.14 8.81
C GLY A 139 14.62 11.04 8.41
N GLN A 140 14.29 11.03 7.11
CA GLN A 140 13.56 9.94 6.55
C GLN A 140 14.37 8.66 6.47
N HIS A 141 15.61 8.76 6.04
CA HIS A 141 16.54 7.61 5.92
C HIS A 141 16.84 6.96 7.29
N GLY A 142 16.89 7.78 8.32
CA GLY A 142 17.17 7.35 9.68
C GLY A 142 15.94 6.70 10.24
N VAL A 143 14.76 7.25 9.91
CA VAL A 143 13.59 6.51 10.32
C VAL A 143 13.62 5.15 9.73
N ALA A 144 13.74 5.03 8.41
CA ALA A 144 13.76 3.69 7.82
C ALA A 144 14.87 2.81 8.40
N THR A 145 16.07 3.36 8.47
CA THR A 145 17.19 2.59 8.94
C THR A 145 16.79 2.08 10.37
N ALA A 146 16.27 2.99 11.24
CA ALA A 146 15.90 2.54 12.59
C ALA A 146 14.85 1.41 12.53
N THR A 147 13.93 1.55 11.60
CA THR A 147 12.88 0.64 11.42
C THR A 147 13.53 -0.69 11.06
N ALA A 148 14.28 -0.78 10.03
CA ALA A 148 14.78 -2.10 9.79
C ALA A 148 15.70 -2.69 10.88
N CYS A 149 16.36 -1.88 11.70
CA CYS A 149 17.17 -2.38 12.80
C CYS A 149 16.28 -2.83 13.88
N ALA A 150 15.23 -2.11 14.23
CA ALA A 150 14.34 -2.75 15.25
C ALA A 150 13.92 -4.18 14.75
N LEU A 151 13.39 -4.24 13.48
CA LEU A 151 12.94 -5.46 12.98
C LEU A 151 14.08 -6.49 13.06
N LEU A 152 15.32 -6.06 12.78
CA LEU A 152 16.38 -7.07 12.61
C LEU A 152 17.13 -7.36 13.90
N GLY A 153 16.74 -6.61 14.94
CA GLY A 153 17.52 -6.80 16.14
C GLY A 153 18.90 -6.15 16.14
N LEU A 154 19.12 -4.95 15.55
CA LEU A 154 20.54 -4.35 15.52
C LEU A 154 20.61 -3.05 16.27
N ASP A 155 21.65 -2.84 17.03
CA ASP A 155 21.70 -1.48 17.55
C ASP A 155 21.90 -0.52 16.42
N CYS A 156 21.35 0.65 16.55
CA CYS A 156 21.29 1.59 15.55
C CYS A 156 21.72 2.92 16.07
N VAL A 157 22.59 3.60 15.33
CA VAL A 157 22.88 4.98 15.72
C VAL A 157 22.83 5.74 14.45
N ILE A 158 22.12 6.86 14.56
CA ILE A 158 21.96 7.71 13.51
C ILE A 158 22.52 9.06 13.77
N TYR A 159 23.30 9.50 12.79
CA TYR A 159 23.87 10.86 12.76
C TYR A 159 22.92 11.80 12.02
N MET A 160 22.68 12.89 12.70
CA MET A 160 21.93 14.00 12.13
C MET A 160 22.63 15.34 12.55
N GLY A 161 22.59 16.29 11.61
CA GLY A 161 22.90 17.70 11.86
C GLY A 161 22.12 18.34 13.00
N GLY A 162 22.86 18.90 13.96
CA GLY A 162 22.25 19.75 14.97
C GLY A 162 20.97 20.51 14.56
N ILE A 163 21.05 21.15 13.37
CA ILE A 163 20.02 22.07 12.83
C ILE A 163 18.78 21.30 12.37
N ASP A 164 19.02 20.13 11.78
CA ASP A 164 17.87 19.35 11.32
C ASP A 164 17.34 18.58 12.51
N THR A 165 18.22 18.30 13.50
CA THR A 165 17.83 17.86 14.85
C THR A 165 16.70 18.75 15.36
N ALA A 166 16.86 20.07 15.11
CA ALA A 166 15.96 21.16 15.56
C ALA A 166 14.69 21.40 14.72
N ARG A 167 14.77 21.32 13.40
CA ARG A 167 13.65 21.63 12.54
C ARG A 167 12.72 20.48 12.12
N GLN A 168 12.77 19.34 12.80
CA GLN A 168 12.37 18.07 12.19
C GLN A 168 12.09 16.90 13.14
N ALA A 169 11.53 17.17 14.32
CA ALA A 169 12.02 16.51 15.52
C ALA A 169 11.06 15.51 16.15
N LEU A 170 10.14 14.97 15.38
CA LEU A 170 9.48 13.73 15.81
C LEU A 170 10.05 12.50 15.15
N ASN A 171 10.31 12.59 13.86
CA ASN A 171 11.36 11.81 13.26
C ASN A 171 12.50 11.47 14.20
N VAL A 172 13.07 12.48 14.83
CA VAL A 172 14.05 12.20 15.86
C VAL A 172 13.43 11.36 16.97
N ALA A 173 12.12 11.46 17.11
CA ALA A 173 11.45 10.78 18.21
C ALA A 173 10.98 9.42 17.75
N ARG A 174 10.33 9.43 16.60
CA ARG A 174 10.18 8.23 15.78
C ARG A 174 11.38 7.29 15.90
N MET A 175 12.53 7.70 15.37
CA MET A 175 13.77 7.01 15.65
C MET A 175 13.96 6.54 17.11
N ARG A 176 13.67 7.39 18.06
CA ARG A 176 14.07 6.98 19.40
C ARG A 176 13.07 5.96 19.88
N LEU A 177 11.78 6.21 19.64
CA LEU A 177 10.69 5.24 19.80
C LEU A 177 11.09 3.90 19.20
N LEU A 178 11.80 3.90 18.07
CA LEU A 178 12.29 2.64 17.41
C LEU A 178 13.52 2.12 18.11
N GLY A 179 14.02 2.91 19.06
CA GLY A 179 15.17 2.47 19.80
C GLY A 179 16.54 2.70 19.16
N ALA A 180 16.76 3.79 18.52
CA ALA A 180 18.09 3.95 18.07
C ALA A 180 18.72 5.14 18.81
N GLU A 181 20.00 5.13 19.08
CA GLU A 181 20.57 6.36 19.52
C GLU A 181 20.57 7.37 18.35
N VAL A 182 20.05 8.58 18.61
CA VAL A 182 20.34 9.69 17.69
C VAL A 182 21.47 10.56 18.16
N VAL A 183 22.59 10.65 17.40
CA VAL A 183 23.68 11.59 17.72
C VAL A 183 23.47 12.86 16.91
N ALA A 184 22.88 13.83 17.59
CA ALA A 184 22.62 15.18 17.08
C ALA A 184 23.93 15.99 17.04
N VAL A 185 24.40 16.31 15.82
CA VAL A 185 25.80 16.71 15.66
C VAL A 185 26.06 18.22 15.73
N GLN A 186 26.98 18.57 16.64
CA GLN A 186 27.25 19.95 17.12
C GLN A 186 28.76 20.30 16.82
N THR A 187 29.13 20.25 15.51
CA THR A 187 30.54 20.22 14.95
C THR A 187 30.68 20.93 13.61
N GLY A 188 31.36 22.09 13.61
CA GLY A 188 31.36 23.01 12.48
C GLY A 188 29.95 23.54 12.10
N SER A 189 29.62 23.41 10.80
CA SER A 189 28.38 23.90 10.20
C SER A 189 27.05 23.46 10.82
N LYS A 190 27.12 22.60 11.85
CA LYS A 190 25.99 21.78 12.35
C LYS A 190 24.93 21.37 11.25
N THR A 191 25.41 20.68 10.20
CA THR A 191 24.56 20.09 9.13
C THR A 191 25.11 18.81 8.38
N LEU A 192 24.36 18.31 7.37
CA LEU A 192 24.59 17.00 6.76
C LEU A 192 26.08 16.60 6.48
N LYS A 193 26.95 17.59 6.18
CA LYS A 193 28.33 17.32 5.71
C LYS A 193 28.99 16.65 6.87
N ASP A 194 29.12 17.42 7.97
CA ASP A 194 29.61 17.02 9.32
C ASP A 194 28.89 15.75 9.88
N ALA A 195 27.59 15.68 9.54
CA ALA A 195 26.78 14.52 9.84
C ALA A 195 27.27 13.34 9.02
N ILE A 196 27.65 13.50 7.74
CA ILE A 196 28.40 12.40 7.10
C ILE A 196 29.83 12.02 7.71
N ASN A 197 30.54 13.01 8.30
CA ASN A 197 31.93 12.78 8.72
C ASN A 197 32.04 12.10 10.02
N GLU A 198 31.04 12.38 10.83
CA GLU A 198 31.07 11.64 12.06
C GLU A 198 30.87 10.17 11.72
N ALA A 199 29.86 9.97 10.89
CA ALA A 199 29.43 8.67 10.55
C ALA A 199 30.61 7.87 10.00
N PHE A 200 31.37 8.50 9.08
CA PHE A 200 32.51 7.85 8.51
C PHE A 200 33.64 7.51 9.50
N ARG A 201 33.85 8.25 10.58
CA ARG A 201 34.97 7.88 11.57
C ARG A 201 34.56 6.74 12.49
N ASP A 202 33.31 6.88 12.96
CA ASP A 202 32.58 5.82 13.61
C ASP A 202 32.82 4.59 12.79
N TRP A 203 32.56 4.72 11.49
CA TRP A 203 32.65 3.57 10.55
C TRP A 203 34.00 2.98 10.50
N VAL A 204 34.98 3.82 10.22
CA VAL A 204 36.37 3.37 10.09
C VAL A 204 36.79 2.85 11.43
N ALA A 205 36.37 3.64 12.43
CA ALA A 205 36.54 3.24 13.86
C ALA A 205 36.03 1.85 14.24
N ASN A 206 34.76 1.51 13.90
CA ASN A 206 34.21 0.29 14.42
C ASN A 206 33.97 -0.81 13.39
N ALA A 207 34.63 -0.61 12.25
CA ALA A 207 34.58 -1.56 11.14
C ALA A 207 34.21 -2.92 11.61
N ASP A 208 34.95 -3.39 12.62
CA ASP A 208 34.75 -4.76 13.05
C ASP A 208 33.34 -5.22 13.37
N ASN A 209 32.43 -4.28 13.65
CA ASN A 209 31.07 -4.73 14.01
C ASN A 209 29.90 -3.86 13.44
N THR A 210 30.27 -2.68 12.94
CA THR A 210 29.41 -1.65 12.45
C THR A 210 29.38 -1.73 10.89
N TYR A 211 28.14 -1.86 10.39
CA TYR A 211 27.79 -1.67 9.01
C TYR A 211 27.30 -0.18 8.88
N TYR A 212 27.42 0.38 7.71
CA TYR A 212 26.82 1.70 7.51
C TYR A 212 25.88 1.59 6.36
N CYS A 213 24.83 2.40 6.38
CA CYS A 213 23.78 2.20 5.50
C CYS A 213 23.29 3.52 4.88
N PHE A 214 23.15 3.54 3.57
CA PHE A 214 22.78 4.73 2.80
C PHE A 214 21.48 4.68 2.09
N GLY A 215 21.05 5.88 1.61
CA GLY A 215 19.88 6.03 0.71
C GLY A 215 19.48 7.48 0.53
N THR A 216 19.59 8.23 1.63
CA THR A 216 19.70 9.71 1.64
C THR A 216 20.17 10.24 0.26
N ALA A 217 19.25 10.94 -0.43
CA ALA A 217 19.43 11.40 -1.84
C ALA A 217 20.69 12.24 -2.05
N ALA A 218 21.38 12.65 -0.96
CA ALA A 218 22.70 13.36 -1.10
C ALA A 218 24.01 12.66 -0.60
N GLY A 219 24.10 12.22 0.65
CA GLY A 219 25.26 11.40 1.04
C GLY A 219 25.69 10.29 0.05
N PRO A 220 26.68 9.47 0.47
CA PRO A 220 27.29 8.49 -0.45
C PRO A 220 26.45 7.27 -0.81
N HIS A 221 26.59 6.87 -2.08
CA HIS A 221 26.04 5.65 -2.74
C HIS A 221 27.21 4.77 -3.19
N PRO A 222 27.92 4.12 -2.26
CA PRO A 222 29.08 3.30 -2.64
C PRO A 222 28.77 1.97 -3.31
N PHE A 223 27.53 1.49 -3.21
CA PHE A 223 27.25 0.11 -3.68
C PHE A 223 26.27 -0.01 -4.84
N PRO A 224 26.69 0.21 -6.07
CA PRO A 224 25.55 0.23 -7.01
C PRO A 224 25.14 -1.13 -7.59
N THR A 225 25.97 -2.14 -7.51
CA THR A 225 25.46 -3.48 -7.76
C THR A 225 24.21 -3.80 -6.89
N MET A 226 24.28 -3.41 -5.62
CA MET A 226 23.25 -3.63 -4.63
C MET A 226 21.89 -3.03 -4.97
N VAL A 227 21.87 -1.74 -5.30
CA VAL A 227 20.60 -0.98 -5.47
C VAL A 227 19.80 -1.70 -6.57
N ARG A 228 20.55 -2.30 -7.48
CA ARG A 228 20.03 -2.86 -8.74
C ARG A 228 19.55 -4.30 -8.54
N ASP A 229 20.27 -5.06 -7.75
CA ASP A 229 19.88 -6.36 -7.43
C ASP A 229 18.62 -6.42 -6.56
N PHE A 230 18.36 -5.38 -5.77
CA PHE A 230 17.30 -5.53 -4.82
C PHE A 230 15.98 -5.35 -5.59
N GLN A 231 16.01 -4.73 -6.79
CA GLN A 231 14.73 -4.66 -7.62
C GLN A 231 14.37 -6.00 -8.18
N ARG A 232 15.30 -6.92 -8.08
CA ARG A 232 15.05 -8.20 -8.51
C ARG A 232 13.84 -8.87 -7.82
N ILE A 233 13.48 -8.44 -6.60
CA ILE A 233 12.41 -9.05 -5.81
C ILE A 233 11.06 -8.84 -6.55
N ILE A 234 11.03 -7.79 -7.38
CA ILE A 234 9.85 -7.65 -8.16
C ILE A 234 9.56 -8.96 -9.07
N GLY A 235 10.47 -9.43 -9.96
CA GLY A 235 10.30 -10.71 -10.71
C GLY A 235 10.10 -11.88 -9.72
N MET A 236 10.96 -12.02 -8.70
CA MET A 236 10.78 -13.06 -7.78
C MET A 236 9.34 -13.18 -7.46
N GLU A 237 8.75 -12.06 -6.96
CA GLU A 237 7.41 -12.08 -6.39
C GLU A 237 6.51 -12.34 -7.56
N ALA A 238 6.79 -11.77 -8.75
CA ALA A 238 5.74 -11.93 -9.86
C ALA A 238 5.61 -13.41 -10.19
N ARG A 239 6.69 -14.11 -9.99
CA ARG A 239 6.81 -15.44 -10.51
C ARG A 239 6.01 -16.37 -9.56
N VAL A 240 5.99 -16.06 -8.28
CA VAL A 240 5.20 -16.85 -7.40
C VAL A 240 3.80 -16.42 -7.71
N GLN A 241 3.52 -15.14 -7.94
CA GLN A 241 2.00 -14.77 -8.09
C GLN A 241 1.28 -15.19 -9.31
N ILE A 242 2.02 -15.30 -10.44
CA ILE A 242 1.33 -15.53 -11.65
C ILE A 242 1.10 -17.06 -11.72
N GLN A 243 1.79 -17.89 -10.90
CA GLN A 243 1.53 -19.37 -10.98
C GLN A 243 0.34 -19.65 -10.11
N GLY A 244 0.20 -18.92 -9.01
CA GLY A 244 -0.97 -19.04 -8.19
C GLY A 244 -2.19 -18.58 -8.99
N GLN A 245 -2.15 -17.43 -9.65
CA GLN A 245 -3.31 -16.90 -10.29
C GLN A 245 -3.48 -17.45 -11.61
N ALA A 246 -2.44 -17.88 -12.32
CA ALA A 246 -2.85 -18.36 -13.63
C ALA A 246 -2.61 -19.78 -13.87
N GLY A 247 -2.05 -20.50 -12.88
CA GLY A 247 -1.86 -21.95 -12.95
C GLY A 247 -0.50 -22.20 -13.61
N ARG A 248 0.17 -21.17 -14.20
CA ARG A 248 1.47 -21.54 -14.89
C ARG A 248 2.51 -20.46 -15.14
N LEU A 249 3.60 -20.76 -15.71
CA LEU A 249 4.53 -19.69 -16.03
C LEU A 249 3.85 -18.82 -17.06
N PRO A 250 4.22 -17.56 -17.11
CA PRO A 250 3.63 -16.71 -18.16
C PRO A 250 4.21 -17.02 -19.56
N ASP A 251 3.45 -16.75 -20.61
CA ASP A 251 3.96 -16.68 -22.00
C ASP A 251 4.93 -15.59 -22.18
N ALA A 252 4.74 -14.43 -21.50
CA ALA A 252 5.73 -13.39 -21.80
C ALA A 252 5.82 -12.49 -20.63
N VAL A 253 6.98 -11.87 -20.39
CA VAL A 253 7.05 -10.89 -19.32
C VAL A 253 7.60 -9.58 -19.90
N VAL A 254 7.01 -8.47 -19.59
CA VAL A 254 7.19 -7.42 -20.56
C VAL A 254 7.55 -6.24 -19.70
N ALA A 255 8.48 -5.39 -20.14
CA ALA A 255 8.69 -4.08 -19.42
C ALA A 255 9.22 -2.89 -20.26
N CYS A 256 9.08 -1.66 -19.72
CA CYS A 256 9.67 -0.43 -20.29
C CYS A 256 11.17 -0.31 -20.08
N VAL A 257 11.94 -0.27 -21.16
CA VAL A 257 13.39 -0.22 -21.04
C VAL A 257 14.04 1.17 -20.82
N GLY A 258 14.47 1.91 -21.86
CA GLY A 258 15.29 3.15 -21.65
C GLY A 258 14.80 4.27 -20.69
N GLY A 259 14.19 3.86 -19.53
CA GLY A 259 13.86 4.73 -18.38
C GLY A 259 13.54 4.06 -17.02
N GLY A 260 13.93 4.78 -15.94
CA GLY A 260 13.59 4.37 -14.53
C GLY A 260 14.03 2.96 -14.24
N SER A 261 15.27 2.82 -13.76
CA SER A 261 16.04 1.56 -13.60
C SER A 261 15.23 0.45 -12.82
N ASN A 262 14.18 0.96 -12.14
CA ASN A 262 13.14 0.23 -11.37
C ASN A 262 12.25 -0.82 -12.21
N ALA A 263 12.21 -0.65 -13.55
CA ALA A 263 11.38 -1.53 -14.41
C ALA A 263 11.96 -2.91 -14.65
N ILE A 264 13.22 -2.95 -15.03
CA ILE A 264 13.93 -4.15 -15.45
C ILE A 264 14.09 -5.29 -14.48
N GLY A 265 13.92 -5.06 -13.17
CA GLY A 265 14.06 -6.01 -12.11
C GLY A 265 13.03 -7.10 -12.21
N ILE A 266 12.12 -7.00 -13.19
CA ILE A 266 11.12 -8.00 -13.23
C ILE A 266 11.55 -9.15 -14.01
N PHE A 267 12.69 -9.04 -14.69
CA PHE A 267 13.15 -10.08 -15.59
C PHE A 267 13.96 -11.14 -14.93
N HIS A 268 14.84 -10.75 -13.99
CA HIS A 268 15.88 -11.70 -13.60
C HIS A 268 15.21 -13.02 -13.24
N ALA A 269 14.07 -12.97 -12.61
CA ALA A 269 13.67 -14.20 -11.99
C ALA A 269 13.20 -15.16 -13.07
N PHE A 270 12.97 -14.66 -14.29
CA PHE A 270 12.50 -15.56 -15.33
C PHE A 270 13.60 -16.03 -16.30
N LEU A 271 14.79 -15.46 -16.15
CA LEU A 271 15.93 -15.91 -16.92
C LEU A 271 15.95 -17.46 -17.08
N ASP A 272 15.92 -18.27 -16.05
CA ASP A 272 16.01 -19.70 -16.26
C ASP A 272 14.76 -20.38 -16.65
N ASP A 273 13.74 -19.59 -16.96
CA ASP A 273 12.55 -20.12 -17.59
C ASP A 273 12.64 -19.85 -19.07
N PRO A 274 13.36 -20.71 -19.77
CA PRO A 274 13.41 -20.64 -21.23
C PRO A 274 12.04 -20.92 -21.82
N GLY A 275 11.51 -19.99 -22.59
CA GLY A 275 10.13 -20.11 -23.00
C GLY A 275 9.15 -19.43 -22.09
N VAL A 276 9.64 -18.63 -21.16
CA VAL A 276 9.10 -17.30 -20.92
C VAL A 276 9.82 -16.26 -21.76
N ARG A 277 9.13 -15.69 -22.73
CA ARG A 277 9.71 -14.61 -23.50
C ARG A 277 9.84 -13.34 -22.71
N LEU A 278 10.99 -12.69 -22.71
CA LEU A 278 11.20 -11.41 -22.04
C LEU A 278 11.26 -10.34 -23.08
N VAL A 279 10.41 -9.30 -23.01
CA VAL A 279 10.34 -8.15 -23.99
C VAL A 279 10.49 -6.78 -23.38
N GLY A 280 11.52 -6.05 -23.77
CA GLY A 280 11.78 -4.78 -23.09
C GLY A 280 11.29 -3.80 -24.16
N PHE A 281 10.38 -2.91 -23.85
CA PHE A 281 9.77 -2.08 -24.88
C PHE A 281 10.31 -0.66 -24.88
N GLU A 282 10.86 -0.18 -25.98
CA GLU A 282 11.47 1.11 -25.77
C GLU A 282 10.73 2.24 -26.39
N ALA A 283 10.82 3.39 -25.70
CA ALA A 283 10.37 4.68 -26.24
C ALA A 283 11.13 5.01 -27.58
N ALA A 284 10.43 5.45 -28.64
CA ALA A 284 11.10 5.48 -29.99
C ALA A 284 11.39 6.88 -30.60
N GLY A 346 19.43 -9.98 -23.19
CA GLY A 346 20.67 -10.80 -23.08
C GLY A 346 20.23 -12.24 -23.40
N ARG A 347 19.14 -12.58 -22.67
CA ARG A 347 18.01 -13.33 -23.20
C ARG A 347 16.84 -12.33 -23.67
N VAL A 348 17.00 -11.01 -23.52
CA VAL A 348 15.81 -10.09 -23.63
C VAL A 348 15.63 -9.48 -25.01
N ASP A 349 14.46 -9.59 -25.65
CA ASP A 349 14.23 -8.87 -26.95
C ASP A 349 13.80 -7.44 -26.81
N TYR A 350 14.10 -6.65 -27.80
CA TYR A 350 13.90 -5.23 -27.63
C TYR A 350 13.04 -4.69 -28.71
N ARG A 351 12.14 -3.81 -28.35
CA ARG A 351 11.10 -3.50 -29.28
C ARG A 351 10.59 -2.12 -29.04
N PRO A 352 10.29 -1.42 -30.10
CA PRO A 352 10.13 0.05 -29.90
C PRO A 352 8.66 0.37 -29.73
N ILE A 353 8.29 1.41 -28.96
CA ILE A 353 6.89 1.79 -29.02
C ILE A 353 6.63 3.28 -29.46
N THR A 354 5.76 3.51 -30.42
CA THR A 354 5.52 4.91 -30.85
C THR A 354 4.69 5.77 -29.91
N ASP A 355 5.08 7.04 -29.77
CA ASP A 355 4.36 7.99 -28.94
C ASP A 355 2.79 7.80 -28.94
N SER A 356 2.33 7.36 -30.07
CA SER A 356 0.98 7.30 -30.39
C SER A 356 0.38 6.12 -29.77
N GLU A 357 1.02 4.98 -30.02
CA GLU A 357 0.75 3.67 -29.44
C GLU A 357 0.77 3.71 -27.88
N ALA A 358 1.82 4.25 -27.27
CA ALA A 358 1.67 4.51 -25.87
C ALA A 358 0.28 5.08 -25.51
N MET A 359 -0.12 6.19 -26.11
CA MET A 359 -1.24 6.94 -25.57
C MET A 359 -2.57 6.23 -25.94
N ASP A 360 -2.61 5.42 -26.98
CA ASP A 360 -3.84 4.58 -27.09
C ASP A 360 -3.94 3.61 -25.78
N ALA A 361 -2.86 2.96 -25.40
CA ALA A 361 -2.81 2.04 -24.31
C ALA A 361 -3.16 2.83 -23.02
N PHE A 362 -2.44 3.91 -22.76
CA PHE A 362 -2.69 4.81 -21.67
C PHE A 362 -4.15 5.17 -21.52
N GLY A 363 -4.71 5.66 -22.63
CA GLY A 363 -6.15 6.11 -22.61
C GLY A 363 -7.00 4.92 -22.21
N LEU A 364 -6.74 3.82 -22.82
CA LEU A 364 -7.48 2.65 -22.67
C LEU A 364 -7.33 2.09 -21.20
N LEU A 365 -6.11 2.06 -20.69
CA LEU A 365 -5.87 1.64 -19.35
C LEU A 365 -6.76 2.47 -18.49
N CYS A 366 -6.99 3.73 -18.87
CA CYS A 366 -7.82 4.60 -18.02
C CYS A 366 -9.31 4.26 -18.21
N ARG A 367 -9.74 3.91 -19.36
CA ARG A 367 -11.21 3.89 -19.54
C ARG A 367 -11.77 2.49 -19.17
N MET A 368 -10.87 1.51 -19.25
CA MET A 368 -11.34 0.17 -19.10
C MET A 368 -11.03 -0.27 -17.65
N GLU A 369 -9.91 0.17 -17.03
CA GLU A 369 -9.46 -0.46 -15.77
C GLU A 369 -9.46 0.61 -14.73
N GLY A 370 -9.72 1.80 -15.16
CA GLY A 370 -9.75 2.92 -14.18
C GLY A 370 -8.44 3.10 -13.58
N ILE A 371 -7.39 2.52 -14.21
CA ILE A 371 -6.02 2.76 -13.79
C ILE A 371 -5.31 3.81 -14.64
N ILE A 372 -4.59 4.73 -13.98
CA ILE A 372 -4.02 5.90 -14.66
C ILE A 372 -2.59 5.58 -14.55
N PRO A 373 -1.86 5.30 -15.67
CA PRO A 373 -0.41 4.98 -15.57
C PRO A 373 0.54 6.18 -15.77
N ALA A 374 1.77 6.05 -15.33
CA ALA A 374 2.93 6.73 -15.93
C ALA A 374 3.08 6.41 -17.37
N ILE A 375 3.61 7.34 -18.13
CA ILE A 375 3.65 7.25 -19.57
C ILE A 375 4.58 6.13 -19.91
N GLU A 376 5.65 6.01 -19.13
CA GLU A 376 6.56 4.89 -19.27
C GLU A 376 5.74 3.60 -19.17
N SER A 377 5.01 3.35 -18.07
CA SER A 377 4.19 2.10 -17.96
C SER A 377 3.33 1.85 -19.20
N ALA A 378 2.97 2.94 -19.84
CA ALA A 378 1.99 2.91 -20.91
C ALA A 378 2.62 2.29 -22.10
N HIS A 379 3.97 2.38 -22.13
CA HIS A 379 4.72 1.79 -23.23
C HIS A 379 4.70 0.31 -23.10
N ALA A 380 4.78 -0.18 -21.86
CA ALA A 380 4.66 -1.60 -21.61
C ALA A 380 3.29 -2.08 -21.93
N VAL A 381 2.27 -1.41 -21.39
CA VAL A 381 0.92 -1.92 -21.76
C VAL A 381 0.74 -1.98 -23.30
N ALA A 382 1.15 -0.92 -24.01
CA ALA A 382 1.05 -0.92 -25.45
C ALA A 382 1.74 -2.12 -26.04
N GLY A 383 2.91 -2.42 -25.51
CA GLY A 383 3.62 -3.58 -25.94
C GLY A 383 2.89 -4.86 -25.57
N ALA A 384 2.24 -4.88 -24.38
CA ALA A 384 1.53 -6.10 -24.04
C ALA A 384 0.35 -6.36 -24.98
N LEU A 385 -0.42 -5.31 -25.30
CA LEU A 385 -1.54 -5.42 -26.28
C LEU A 385 -1.11 -6.07 -27.61
N LYS A 386 -0.09 -5.47 -28.19
CA LYS A 386 0.54 -6.02 -29.40
C LYS A 386 0.89 -7.49 -29.27
N LEU A 387 1.78 -7.80 -28.35
CA LEU A 387 2.11 -9.15 -28.01
C LEU A 387 0.89 -10.11 -27.88
N GLY A 388 -0.18 -9.62 -27.25
CA GLY A 388 -1.35 -10.41 -27.03
C GLY A 388 -1.78 -10.80 -28.43
N VAL A 389 -2.12 -9.80 -29.27
CA VAL A 389 -2.66 -10.14 -30.62
C VAL A 389 -1.72 -11.09 -31.35
N GLU A 390 -0.45 -10.75 -31.36
CA GLU A 390 0.60 -11.63 -31.82
C GLU A 390 0.40 -13.05 -31.29
N LEU A 391 0.41 -13.21 -29.95
CA LEU A 391 0.42 -14.51 -29.27
C LEU A 391 -0.90 -15.25 -29.19
N GLY A 392 -2.02 -14.57 -29.29
CA GLY A 392 -3.31 -15.28 -29.25
C GLY A 392 -4.20 -15.46 -28.02
N ARG A 393 -5.36 -16.05 -28.30
CA ARG A 393 -6.45 -16.36 -27.37
C ARG A 393 -5.69 -17.13 -26.29
N GLY A 394 -5.74 -16.54 -25.09
CA GLY A 394 -5.35 -17.18 -23.83
C GLY A 394 -3.93 -16.93 -23.40
N ALA A 395 -3.06 -16.44 -24.28
CA ALA A 395 -1.66 -16.25 -23.82
C ALA A 395 -1.75 -15.62 -22.46
N VAL A 396 -0.75 -15.75 -21.60
CA VAL A 396 -0.76 -15.11 -20.32
C VAL A 396 0.36 -14.15 -20.36
N ILE A 397 0.12 -12.85 -20.14
CA ILE A 397 1.26 -11.92 -20.34
C ILE A 397 1.34 -11.09 -19.08
N VAL A 398 2.53 -10.82 -18.56
CA VAL A 398 2.73 -10.07 -17.30
C VAL A 398 3.53 -8.78 -17.60
N VAL A 399 3.09 -7.65 -17.01
CA VAL A 399 3.59 -6.29 -17.24
C VAL A 399 4.00 -5.59 -15.95
N ASN A 400 5.23 -5.06 -15.85
CA ASN A 400 5.56 -4.20 -14.71
C ASN A 400 4.88 -2.86 -14.94
N LEU A 401 3.88 -2.45 -14.14
CA LEU A 401 3.41 -1.08 -14.22
C LEU A 401 4.16 -0.29 -13.21
N SER A 402 5.24 0.31 -13.61
CA SER A 402 6.17 0.80 -12.61
C SER A 402 6.16 2.24 -12.79
N GLY A 403 6.02 2.98 -11.70
CA GLY A 403 6.25 4.42 -11.80
C GLY A 403 4.95 5.05 -11.46
N ARG A 404 5.05 6.29 -11.01
CA ARG A 404 3.98 7.07 -10.44
C ARG A 404 3.01 7.69 -11.48
N GLY A 405 1.78 7.20 -11.42
CA GLY A 405 0.71 7.67 -12.31
C GLY A 405 0.25 9.08 -11.98
N ASP A 406 1.22 9.97 -11.65
CA ASP A 406 0.99 11.42 -11.30
C ASP A 406 1.87 12.34 -12.18
N LYS A 407 1.39 13.54 -12.58
CA LYS A 407 2.12 14.50 -13.55
C LYS A 407 2.51 13.94 -14.98
N ASP A 408 2.21 12.66 -15.22
CA ASP A 408 2.14 12.22 -16.57
C ASP A 408 0.73 12.67 -16.94
N VAL A 409 0.02 13.12 -15.92
CA VAL A 409 -1.38 13.47 -16.04
C VAL A 409 -1.61 14.71 -16.91
N GLU A 410 -1.02 15.84 -16.53
CA GLU A 410 -0.77 16.95 -17.40
C GLU A 410 -0.54 16.55 -18.82
N THR A 411 0.65 15.94 -19.05
CA THR A 411 1.04 15.44 -20.39
C THR A 411 -0.09 14.68 -21.09
N ALA A 412 -0.91 14.01 -20.33
CA ALA A 412 -1.82 13.13 -20.96
C ALA A 412 -3.01 14.00 -21.34
N ALA A 413 -3.47 14.84 -20.44
CA ALA A 413 -4.63 15.68 -20.70
C ALA A 413 -4.43 16.52 -21.96
N LYS A 414 -3.22 17.14 -22.07
CA LYS A 414 -2.92 18.00 -23.24
C LYS A 414 -3.07 17.04 -24.36
N TRP A 415 -2.09 16.16 -24.57
CA TRP A 415 -2.25 15.18 -25.60
C TRP A 415 -3.73 14.87 -26.14
N PHE A 416 -4.74 14.88 -25.28
CA PHE A 416 -6.15 15.00 -25.73
C PHE A 416 -6.56 16.45 -25.30
N TYR B 41 -31.32 19.30 5.51
CA TYR B 41 -30.37 18.14 5.22
C TYR B 41 -30.74 17.01 4.26
N VAL B 42 -32.01 16.64 4.09
CA VAL B 42 -32.38 15.79 2.94
C VAL B 42 -33.77 16.14 2.26
N PRO B 43 -33.70 16.85 1.14
CA PRO B 43 -34.89 17.11 0.32
C PRO B 43 -35.88 15.94 0.22
N GLU B 44 -37.10 16.18 0.71
CA GLU B 44 -38.07 15.06 0.95
C GLU B 44 -38.35 14.35 -0.36
N ALA B 45 -38.24 15.10 -1.48
CA ALA B 45 -38.00 14.56 -2.84
C ALA B 45 -36.98 13.34 -2.91
N LEU B 46 -35.88 13.39 -2.16
CA LEU B 46 -34.93 12.23 -2.08
C LEU B 46 -35.40 10.96 -1.32
N MET B 47 -36.56 11.10 -0.67
CA MET B 47 -37.07 10.08 0.17
C MET B 47 -37.46 8.84 -0.59
N ALA B 48 -38.04 8.94 -1.77
CA ALA B 48 -38.42 7.69 -2.45
C ALA B 48 -37.23 7.07 -3.12
N VAL B 49 -36.19 7.87 -3.20
CA VAL B 49 -35.14 7.36 -4.01
C VAL B 49 -34.20 6.66 -3.01
N ILE B 50 -33.68 7.38 -2.01
CA ILE B 50 -33.03 6.78 -0.89
C ILE B 50 -33.74 5.51 -0.39
N GLU B 51 -35.03 5.59 -0.06
CA GLU B 51 -35.85 4.31 0.15
C GLU B 51 -35.71 3.16 -0.87
N GLU B 52 -35.79 3.41 -2.18
CA GLU B 52 -35.51 2.36 -3.21
C GLU B 52 -34.07 1.80 -3.03
N VAL B 53 -33.15 2.64 -2.56
CA VAL B 53 -31.77 2.21 -2.42
C VAL B 53 -31.61 1.31 -1.17
N THR B 54 -31.87 1.87 -0.02
CA THR B 54 -32.01 1.17 1.18
C THR B 54 -32.72 -0.19 0.95
N ALA B 55 -33.84 -0.21 0.22
CA ALA B 55 -34.59 -1.42 -0.19
C ALA B 55 -33.78 -2.45 -0.98
N ALA B 56 -33.16 -2.03 -2.10
CA ALA B 56 -32.25 -2.92 -2.82
C ALA B 56 -31.06 -3.40 -1.98
N TYR B 57 -30.50 -2.60 -1.11
CA TYR B 57 -29.39 -3.02 -0.32
C TYR B 57 -29.80 -4.17 0.60
N GLN B 58 -30.72 -3.93 1.53
CA GLN B 58 -31.34 -5.00 2.38
C GLN B 58 -31.40 -6.32 1.59
N LYS B 59 -32.24 -6.36 0.56
CA LYS B 59 -32.19 -7.50 -0.38
C LYS B 59 -30.80 -8.12 -0.65
N GLU B 60 -29.74 -7.34 -0.46
CA GLU B 60 -28.39 -7.74 -0.84
C GLU B 60 -27.71 -8.37 0.27
N ARG B 61 -27.83 -7.68 1.43
CA ARG B 61 -27.59 -8.10 2.85
C ARG B 61 -28.21 -9.47 3.29
N VAL B 62 -29.22 -9.98 2.54
CA VAL B 62 -29.82 -11.28 2.73
C VAL B 62 -28.80 -12.40 2.78
N SER B 63 -27.69 -12.30 2.03
CA SER B 63 -26.54 -13.24 2.16
C SER B 63 -25.18 -12.62 1.81
N GLN B 64 -24.12 -13.46 1.86
CA GLN B 64 -22.66 -13.24 1.55
C GLN B 64 -22.22 -12.80 0.11
N ASP B 65 -23.14 -12.94 -0.85
CA ASP B 65 -22.86 -12.64 -2.25
C ASP B 65 -22.42 -11.30 -2.50
N PHE B 66 -23.18 -10.34 -2.01
CA PHE B 66 -22.78 -9.03 -2.44
C PHE B 66 -21.34 -8.74 -1.93
N LEU B 67 -21.07 -9.02 -0.64
CA LEU B 67 -19.69 -8.80 -0.15
C LEU B 67 -18.71 -9.73 -0.84
N ASP B 68 -19.16 -10.96 -1.09
CA ASP B 68 -18.31 -11.87 -1.78
C ASP B 68 -17.89 -11.24 -3.07
N ASP B 69 -18.85 -10.82 -3.89
CA ASP B 69 -18.57 -10.08 -5.17
C ASP B 69 -17.68 -8.89 -4.96
N LEU B 70 -17.91 -8.14 -3.93
CA LEU B 70 -17.12 -6.95 -3.70
C LEU B 70 -15.67 -7.35 -3.46
N ASP B 71 -15.55 -8.35 -2.58
CA ASP B 71 -14.19 -8.84 -2.24
C ASP B 71 -13.35 -9.20 -3.47
N ARG B 72 -14.00 -9.91 -4.41
CA ARG B 72 -13.40 -10.34 -5.63
C ARG B 72 -13.14 -9.15 -6.47
N LEU B 73 -14.09 -8.24 -6.57
CA LEU B 73 -13.79 -7.07 -7.35
C LEU B 73 -12.64 -6.20 -6.76
N GLN B 74 -12.39 -6.17 -5.44
CA GLN B 74 -11.23 -5.41 -5.06
C GLN B 74 -9.88 -6.10 -5.19
N ALA B 75 -9.86 -7.36 -5.54
CA ALA B 75 -8.65 -8.07 -5.29
C ALA B 75 -7.52 -7.48 -6.12
N ASN B 76 -6.42 -7.03 -5.46
CA ASN B 76 -5.23 -6.63 -6.15
C ASN B 76 -5.43 -5.29 -6.82
N TYR B 77 -6.65 -4.74 -6.63
CA TYR B 77 -7.00 -3.58 -7.44
C TYR B 77 -6.37 -2.34 -6.94
N ALA B 78 -6.51 -2.04 -5.66
CA ALA B 78 -6.07 -0.78 -5.12
C ALA B 78 -5.84 -0.95 -3.63
N GLY B 79 -4.94 -1.86 -3.26
CA GLY B 79 -4.66 -2.12 -1.87
C GLY B 79 -5.39 -3.25 -1.16
N ARG B 80 -6.50 -3.73 -1.69
CA ARG B 80 -7.12 -4.99 -1.05
C ARG B 80 -6.65 -6.20 -1.77
N PRO B 81 -6.38 -7.31 -1.04
CA PRO B 81 -6.64 -7.22 0.41
C PRO B 81 -5.43 -6.71 1.23
N SER B 82 -5.60 -6.20 2.46
CA SER B 82 -4.37 -5.73 3.13
C SER B 82 -3.72 -6.98 3.70
N PRO B 83 -2.40 -6.86 3.88
CA PRO B 83 -1.50 -7.95 4.31
C PRO B 83 -1.81 -8.36 5.71
N LEU B 84 -1.56 -9.61 6.05
CA LEU B 84 -1.79 -10.09 7.40
C LEU B 84 -0.37 -10.52 7.71
N TYR B 85 0.25 -9.82 8.69
CA TYR B 85 1.67 -9.87 9.00
C TYR B 85 1.95 -10.72 10.25
N GLU B 86 2.78 -11.76 10.17
CA GLU B 86 2.98 -12.57 11.36
C GLU B 86 4.10 -12.00 12.22
N ALA B 87 3.82 -11.56 13.43
CA ALA B 87 4.91 -10.86 14.17
C ALA B 87 5.74 -11.85 15.04
N THR B 88 6.67 -12.58 14.45
CA THR B 88 7.36 -13.64 15.15
C THR B 88 8.21 -13.11 16.35
N ARG B 89 8.56 -11.81 16.36
CA ARG B 89 9.42 -11.25 17.39
C ARG B 89 8.63 -11.00 18.59
N LEU B 90 7.31 -11.12 18.45
CA LEU B 90 6.41 -10.64 19.48
C LEU B 90 6.07 -11.83 20.28
N SER B 91 6.08 -13.02 19.64
CA SER B 91 5.83 -14.34 20.28
C SER B 91 6.40 -14.64 21.64
N GLN B 92 7.50 -13.95 21.98
CA GLN B 92 8.29 -14.33 23.15
C GLN B 92 7.82 -13.52 24.34
N HIS B 93 7.20 -12.38 24.06
CA HIS B 93 6.36 -11.69 25.00
C HIS B 93 4.87 -12.03 24.96
N ALA B 94 4.53 -13.22 24.49
CA ALA B 94 3.13 -13.61 24.41
C ALA B 94 2.92 -15.09 24.53
N GLY B 95 3.72 -15.71 25.37
CA GLY B 95 3.48 -16.98 25.95
C GLY B 95 3.75 -18.01 24.95
N SER B 96 4.58 -17.64 23.97
CA SER B 96 4.88 -18.52 22.82
C SER B 96 3.71 -18.75 21.82
N ALA B 97 2.67 -17.89 21.95
CA ALA B 97 1.60 -17.85 20.94
C ALA B 97 2.09 -17.31 19.55
N ARG B 98 1.24 -17.39 18.52
CA ARG B 98 1.61 -16.66 17.36
C ARG B 98 0.63 -15.48 17.09
N ILE B 99 1.08 -14.24 17.23
CA ILE B 99 0.32 -13.03 16.96
C ILE B 99 0.40 -12.69 15.42
N PHE B 100 -0.73 -12.46 14.74
CA PHE B 100 -0.73 -12.01 13.41
C PHE B 100 -1.32 -10.66 13.42
N LEU B 101 -0.68 -9.68 12.76
CA LEU B 101 -1.27 -8.33 12.71
C LEU B 101 -1.88 -8.08 11.27
N LYS B 102 -3.12 -7.64 11.29
CA LYS B 102 -3.91 -7.48 10.13
C LYS B 102 -3.72 -6.02 9.82
N ARG B 103 -2.83 -5.74 8.86
CA ARG B 103 -2.24 -4.37 8.64
C ARG B 103 -3.23 -3.33 8.08
N GLU B 104 -4.22 -2.90 8.87
CA GLU B 104 -5.11 -1.87 8.27
C GLU B 104 -4.37 -0.51 8.16
N ASP B 105 -3.24 -0.43 8.86
CA ASP B 105 -2.51 0.76 9.12
C ASP B 105 -1.73 1.10 7.87
N LEU B 106 -1.70 0.18 6.89
CA LEU B 106 -0.82 0.34 5.66
C LEU B 106 -1.73 0.77 4.55
N ASN B 107 -3.04 0.80 4.73
CA ASN B 107 -3.92 1.44 3.70
C ASN B 107 -3.59 2.86 3.48
N HIS B 108 -3.36 3.32 2.25
CA HIS B 108 -3.37 4.79 2.19
C HIS B 108 -4.62 5.47 1.63
N THR B 109 -4.60 6.78 1.82
CA THR B 109 -5.85 7.57 1.85
C THR B 109 -6.44 7.45 0.45
N GLY B 110 -7.66 6.97 0.31
CA GLY B 110 -8.24 6.83 -1.04
C GLY B 110 -7.63 6.12 -2.28
N SER B 111 -6.69 5.15 -2.09
CA SER B 111 -6.95 3.76 -2.53
C SER B 111 -8.12 3.31 -1.62
N HIS B 112 -8.03 3.61 -0.35
CA HIS B 112 -9.13 3.37 0.52
C HIS B 112 -10.47 4.03 0.13
N LYS B 113 -10.48 5.25 -0.39
CA LYS B 113 -11.81 5.74 -0.74
C LYS B 113 -12.30 4.97 -2.00
N ILE B 114 -11.37 4.47 -2.83
CA ILE B 114 -11.72 3.65 -4.04
C ILE B 114 -12.41 2.36 -3.64
N ASN B 115 -11.87 1.71 -2.63
CA ASN B 115 -12.41 0.45 -2.19
C ASN B 115 -13.76 0.63 -1.54
N ASN B 116 -13.92 1.76 -0.87
CA ASN B 116 -15.23 2.11 -0.38
C ASN B 116 -16.20 2.42 -1.51
N VAL B 117 -15.75 3.18 -2.49
CA VAL B 117 -16.63 3.59 -3.56
C VAL B 117 -16.96 2.45 -4.51
N LEU B 118 -16.05 1.53 -4.74
CA LEU B 118 -16.43 0.37 -5.61
C LEU B 118 -17.69 -0.41 -5.04
N GLY B 119 -17.87 -0.57 -3.75
CA GLY B 119 -18.99 -1.37 -3.41
C GLY B 119 -20.23 -0.58 -3.80
N GLN B 120 -20.10 0.77 -3.72
CA GLN B 120 -21.30 1.61 -4.05
C GLN B 120 -21.60 1.48 -5.49
N ALA B 121 -20.59 1.47 -6.35
CA ALA B 121 -20.89 1.20 -7.76
C ALA B 121 -21.27 -0.26 -8.00
N LEU B 122 -20.77 -1.22 -7.21
CA LEU B 122 -21.28 -2.55 -7.48
C LEU B 122 -22.79 -2.64 -7.09
N LEU B 123 -23.24 -1.94 -6.05
CA LEU B 123 -24.69 -1.87 -5.82
C LEU B 123 -25.48 -1.27 -7.11
N ALA B 124 -24.97 -0.23 -7.77
CA ALA B 124 -25.67 0.29 -8.94
C ALA B 124 -25.85 -0.82 -9.91
N ARG B 125 -24.74 -1.55 -10.18
CA ARG B 125 -24.89 -2.62 -11.26
C ARG B 125 -26.00 -3.60 -10.82
N ARG B 126 -25.96 -4.07 -9.59
CA ARG B 126 -26.99 -4.94 -9.18
C ARG B 126 -28.35 -4.38 -9.14
N MET B 127 -28.41 -3.09 -8.96
CA MET B 127 -29.74 -2.52 -8.99
C MET B 127 -30.17 -2.36 -10.44
N GLY B 128 -29.27 -2.52 -11.38
CA GLY B 128 -29.61 -2.34 -12.76
C GLY B 128 -29.41 -0.97 -13.39
N LYS B 129 -28.88 0.01 -12.66
CA LYS B 129 -28.65 1.37 -13.10
C LYS B 129 -27.39 1.38 -13.98
N THR B 130 -27.27 2.37 -14.89
CA THR B 130 -26.21 2.28 -15.87
C THR B 130 -25.40 3.55 -15.82
N ARG B 131 -25.84 4.54 -15.01
CA ARG B 131 -25.04 5.77 -14.82
C ARG B 131 -24.86 6.12 -13.36
N VAL B 132 -23.74 6.72 -13.00
CA VAL B 132 -23.55 7.11 -11.64
C VAL B 132 -23.20 8.57 -11.61
N ILE B 133 -23.84 9.33 -10.75
CA ILE B 133 -23.39 10.70 -10.54
C ILE B 133 -22.89 10.87 -9.08
N ALA B 134 -22.14 11.96 -8.80
CA ALA B 134 -21.66 12.32 -7.48
C ALA B 134 -21.20 13.79 -7.46
N GLU B 135 -20.97 14.36 -6.31
CA GLU B 135 -20.51 15.74 -6.21
C GLU B 135 -19.07 15.66 -5.75
N THR B 136 -18.27 16.69 -5.85
CA THR B 136 -16.92 16.49 -5.43
C THR B 136 -16.45 17.87 -5.00
N GLY B 137 -15.73 17.98 -3.88
CA GLY B 137 -15.31 19.32 -3.46
C GLY B 137 -14.09 19.71 -4.21
N ALA B 138 -12.96 19.56 -3.54
CA ALA B 138 -11.59 19.66 -4.10
C ALA B 138 -11.25 18.56 -5.15
N GLY B 139 -12.11 17.51 -5.27
CA GLY B 139 -12.17 16.66 -6.48
C GLY B 139 -11.79 15.20 -6.26
N GLN B 140 -11.42 14.89 -5.01
CA GLN B 140 -10.85 13.61 -4.56
C GLN B 140 -11.95 12.57 -4.73
N HIS B 141 -13.13 12.77 -4.07
CA HIS B 141 -14.26 11.85 -4.25
C HIS B 141 -14.68 11.76 -5.72
N GLY B 142 -14.46 12.80 -6.50
CA GLY B 142 -14.84 12.60 -7.91
C GLY B 142 -13.93 11.62 -8.65
N VAL B 143 -12.64 11.68 -8.23
CA VAL B 143 -11.60 10.83 -8.82
C VAL B 143 -11.85 9.39 -8.41
N ALA B 144 -12.30 9.15 -7.17
CA ALA B 144 -12.62 7.79 -6.72
C ALA B 144 -13.75 7.21 -7.49
N THR B 145 -14.89 7.88 -7.50
CA THR B 145 -16.05 7.47 -8.30
C THR B 145 -15.71 7.34 -9.74
N ALA B 146 -15.04 8.32 -10.30
CA ALA B 146 -14.79 8.19 -11.71
C ALA B 146 -14.06 6.87 -11.94
N THR B 147 -13.04 6.63 -11.14
CA THR B 147 -12.37 5.24 -11.16
C THR B 147 -13.31 3.97 -11.07
N ALA B 148 -14.11 3.85 -10.02
CA ALA B 148 -14.96 2.69 -9.93
C ALA B 148 -15.85 2.67 -11.14
N CYS B 149 -16.46 3.85 -11.46
CA CYS B 149 -17.34 3.97 -12.67
C CYS B 149 -16.71 3.33 -13.85
N ALA B 150 -15.46 3.56 -14.01
CA ALA B 150 -14.88 3.05 -15.19
C ALA B 150 -14.41 1.61 -15.03
N LEU B 151 -13.89 1.27 -13.81
CA LEU B 151 -13.69 -0.17 -13.56
C LEU B 151 -14.95 -0.99 -13.97
N LEU B 152 -16.18 -0.53 -13.75
CA LEU B 152 -17.40 -1.32 -13.94
C LEU B 152 -18.26 -1.05 -15.17
N GLY B 153 -17.67 -0.25 -16.07
CA GLY B 153 -18.26 0.20 -17.26
C GLY B 153 -19.46 1.05 -16.99
N LEU B 154 -19.50 1.87 -15.95
CA LEU B 154 -20.77 2.64 -15.77
C LEU B 154 -20.56 4.04 -16.28
N ASP B 155 -21.49 4.65 -17.00
CA ASP B 155 -21.27 6.11 -17.20
C ASP B 155 -21.16 6.87 -15.87
N CYS B 156 -20.53 8.00 -15.97
CA CYS B 156 -20.19 8.70 -14.78
C CYS B 156 -20.23 10.24 -14.99
N VAL B 157 -21.06 10.95 -14.22
CA VAL B 157 -21.12 12.41 -14.26
C VAL B 157 -20.79 13.02 -12.91
N ILE B 158 -19.81 13.85 -12.77
CA ILE B 158 -19.54 14.34 -11.44
C ILE B 158 -19.84 15.88 -11.47
N TYR B 159 -20.60 16.38 -10.50
CA TYR B 159 -20.91 17.76 -10.28
C TYR B 159 -19.93 18.45 -9.29
N MET B 160 -19.47 19.65 -9.65
CA MET B 160 -18.40 20.28 -8.87
C MET B 160 -18.54 21.77 -9.11
N GLY B 161 -18.34 22.56 -8.06
CA GLY B 161 -18.65 24.00 -8.20
C GLY B 161 -17.59 24.75 -9.02
N GLY B 162 -18.07 25.73 -9.84
CA GLY B 162 -17.22 26.57 -10.72
C GLY B 162 -15.99 27.12 -9.98
N ILE B 163 -16.14 27.37 -8.69
CA ILE B 163 -14.97 27.78 -7.90
C ILE B 163 -13.96 26.64 -7.76
N ASP B 164 -14.50 25.43 -7.60
CA ASP B 164 -13.68 24.24 -7.42
C ASP B 164 -12.99 23.81 -8.73
N THR B 165 -13.73 23.88 -9.81
CA THR B 165 -13.21 23.60 -11.12
C THR B 165 -11.99 24.49 -11.40
N ALA B 166 -12.11 25.85 -11.38
CA ALA B 166 -10.94 26.76 -11.82
C ALA B 166 -9.51 26.47 -11.20
N ARG B 167 -9.49 25.90 -10.00
CA ARG B 167 -8.30 25.78 -9.18
C ARG B 167 -7.88 24.32 -9.04
N GLN B 168 -8.51 23.43 -9.81
CA GLN B 168 -8.28 22.01 -9.63
C GLN B 168 -8.12 21.25 -10.94
N ALA B 169 -7.37 21.83 -11.86
CA ALA B 169 -7.34 21.37 -13.23
C ALA B 169 -6.97 19.91 -13.28
N LEU B 170 -6.41 19.41 -12.19
CA LEU B 170 -5.61 18.20 -12.24
C LEU B 170 -6.50 17.02 -11.94
N ASN B 171 -7.32 17.15 -10.91
CA ASN B 171 -8.31 16.16 -10.60
C ASN B 171 -9.42 16.14 -11.64
N VAL B 172 -9.67 17.29 -12.24
CA VAL B 172 -10.69 17.41 -13.23
C VAL B 172 -10.25 16.65 -14.45
N ALA B 173 -8.93 16.63 -14.66
CA ALA B 173 -8.38 15.98 -15.84
C ALA B 173 -8.25 14.41 -15.60
N ARG B 174 -8.02 14.06 -14.36
CA ARG B 174 -8.02 12.69 -13.90
C ARG B 174 -9.38 12.12 -14.18
N MET B 175 -10.32 12.73 -13.54
CA MET B 175 -11.66 12.47 -13.80
C MET B 175 -11.85 12.37 -15.30
N ARG B 176 -11.38 13.35 -16.10
CA ARG B 176 -11.71 13.30 -17.56
C ARG B 176 -10.97 12.16 -18.29
N LEU B 177 -9.69 11.88 -17.99
CA LEU B 177 -9.01 10.68 -18.53
C LEU B 177 -9.83 9.47 -18.18
N LEU B 178 -10.26 9.37 -16.92
CA LEU B 178 -11.05 8.18 -16.51
C LEU B 178 -12.40 8.06 -17.23
N GLY B 179 -12.82 9.10 -17.96
CA GLY B 179 -14.11 8.88 -18.65
C GLY B 179 -15.26 9.63 -17.99
N ALA B 180 -15.12 10.29 -16.85
CA ALA B 180 -16.43 10.91 -16.60
C ALA B 180 -16.74 12.32 -17.21
N GLU B 181 -17.97 12.83 -17.05
CA GLU B 181 -18.29 14.13 -17.60
C GLU B 181 -18.26 14.94 -16.32
N VAL B 182 -17.53 16.02 -16.35
CA VAL B 182 -17.34 16.88 -15.25
C VAL B 182 -18.13 18.20 -15.53
N VAL B 183 -19.08 18.48 -14.63
CA VAL B 183 -20.13 19.51 -14.83
C VAL B 183 -19.80 20.59 -13.86
N ALA B 184 -19.29 21.65 -14.44
CA ALA B 184 -18.78 22.76 -13.62
C ALA B 184 -20.05 23.52 -13.21
N VAL B 185 -20.27 23.77 -11.92
CA VAL B 185 -21.62 24.28 -11.54
C VAL B 185 -21.54 25.80 -11.34
N GLN B 186 -22.37 26.45 -12.11
CA GLN B 186 -22.33 27.87 -12.23
C GLN B 186 -23.40 28.63 -11.40
N THR B 187 -24.52 28.01 -10.95
CA THR B 187 -25.48 28.53 -9.89
C THR B 187 -25.03 28.85 -8.45
N GLY B 188 -26.02 29.36 -7.66
CA GLY B 188 -25.90 29.96 -6.34
C GLY B 188 -24.50 30.51 -6.34
N SER B 189 -23.73 30.05 -5.37
CA SER B 189 -22.41 30.60 -5.09
C SER B 189 -21.31 29.72 -5.63
N LYS B 190 -21.67 28.76 -6.47
CA LYS B 190 -20.67 27.99 -7.19
C LYS B 190 -19.76 27.26 -6.23
N THR B 191 -20.29 26.84 -5.09
CA THR B 191 -19.53 26.08 -4.11
C THR B 191 -20.02 24.65 -4.02
N LEU B 192 -19.67 23.99 -2.91
CA LEU B 192 -19.94 22.57 -2.74
C LEU B 192 -21.42 22.26 -2.63
N LYS B 193 -22.13 23.05 -1.83
CA LYS B 193 -23.54 22.80 -1.56
C LYS B 193 -24.32 22.77 -2.86
N ASP B 194 -24.15 23.85 -3.58
CA ASP B 194 -24.36 23.99 -5.03
C ASP B 194 -24.21 22.77 -5.92
N ALA B 195 -23.01 22.14 -5.89
CA ALA B 195 -22.90 20.84 -6.56
C ALA B 195 -23.92 19.84 -6.01
N ILE B 196 -24.04 19.83 -4.69
CA ILE B 196 -24.84 18.82 -4.02
C ILE B 196 -26.20 18.90 -4.57
N ASN B 197 -26.80 20.09 -4.64
CA ASN B 197 -28.21 20.08 -5.18
C ASN B 197 -28.39 19.75 -6.62
N GLU B 198 -27.41 20.22 -7.44
CA GLU B 198 -27.60 20.00 -8.84
C GLU B 198 -27.65 18.51 -8.99
N ALA B 199 -26.83 17.82 -8.18
CA ALA B 199 -26.80 16.33 -8.17
C ALA B 199 -28.07 15.75 -7.63
N PHE B 200 -28.68 16.45 -6.66
CA PHE B 200 -29.94 15.98 -6.14
C PHE B 200 -31.01 16.20 -7.22
N ARG B 201 -31.02 17.35 -7.90
CA ARG B 201 -32.02 17.54 -8.93
C ARG B 201 -31.79 16.46 -9.91
N ASP B 202 -30.50 16.16 -10.15
CA ASP B 202 -30.22 15.14 -11.23
C ASP B 202 -30.76 13.76 -10.77
N TRP B 203 -30.64 13.50 -9.46
CA TRP B 203 -30.85 12.13 -9.07
C TRP B 203 -32.37 11.97 -8.99
N VAL B 204 -33.02 13.07 -8.56
CA VAL B 204 -34.46 12.92 -8.58
C VAL B 204 -35.00 12.64 -9.95
N ALA B 205 -34.46 13.29 -10.96
CA ALA B 205 -35.13 13.23 -12.18
C ALA B 205 -34.66 12.01 -12.86
N ASN B 206 -33.61 11.35 -12.40
CA ASN B 206 -33.10 10.28 -13.25
C ASN B 206 -33.00 8.96 -12.60
N ALA B 207 -33.85 8.71 -11.69
CA ALA B 207 -33.72 7.56 -10.76
C ALA B 207 -33.87 6.19 -11.48
N ASP B 208 -34.63 6.14 -12.59
CA ASP B 208 -34.74 4.91 -13.44
C ASP B 208 -33.38 4.27 -13.78
N ASN B 209 -32.36 5.10 -13.96
CA ASN B 209 -31.11 4.54 -14.52
C ASN B 209 -29.88 4.98 -13.68
N THR B 210 -30.06 5.83 -12.66
CA THR B 210 -28.93 6.59 -12.08
C THR B 210 -28.69 6.37 -10.57
N TYR B 211 -27.50 6.04 -10.11
CA TYR B 211 -27.30 5.74 -8.75
C TYR B 211 -26.49 6.90 -8.29
N TYR B 212 -26.78 7.44 -7.13
CA TYR B 212 -26.06 8.53 -6.64
C TYR B 212 -25.01 8.09 -5.71
N CYS B 213 -23.81 8.56 -5.87
CA CYS B 213 -22.74 7.98 -5.09
C CYS B 213 -22.14 8.95 -4.10
N PHE B 214 -22.55 8.81 -2.85
CA PHE B 214 -22.16 9.75 -1.75
C PHE B 214 -20.72 9.45 -1.21
N GLY B 215 -20.06 10.47 -0.65
CA GLY B 215 -18.72 10.36 -0.09
C GLY B 215 -18.00 11.63 0.37
N THR B 216 -18.35 12.84 -0.09
CA THR B 216 -17.69 14.08 0.48
C THR B 216 -17.97 14.37 2.02
N ALA B 217 -16.94 14.65 2.80
CA ALA B 217 -17.14 14.65 4.24
C ALA B 217 -18.24 15.67 4.60
N ALA B 218 -18.37 16.69 3.74
CA ALA B 218 -19.41 17.75 3.79
C ALA B 218 -20.74 17.46 3.01
N GLY B 219 -20.67 16.52 2.08
CA GLY B 219 -21.83 15.99 1.38
C GLY B 219 -22.69 15.16 2.30
N PRO B 220 -23.81 14.62 1.78
CA PRO B 220 -24.74 13.69 2.41
C PRO B 220 -24.13 12.35 2.74
N HIS B 221 -24.67 11.68 3.76
CA HIS B 221 -24.30 10.32 4.15
C HIS B 221 -25.59 9.47 4.45
N PRO B 222 -26.51 9.32 3.44
CA PRO B 222 -27.81 8.70 3.77
C PRO B 222 -27.91 7.20 4.05
N PHE B 223 -26.81 6.46 4.09
CA PHE B 223 -26.84 5.03 4.07
C PHE B 223 -25.86 4.38 4.98
N PRO B 224 -25.97 4.64 6.29
CA PRO B 224 -25.00 4.08 7.30
C PRO B 224 -24.86 2.54 7.36
N THR B 225 -25.90 1.79 7.00
CA THR B 225 -25.72 0.28 7.16
C THR B 225 -24.67 -0.16 6.18
N MET B 226 -24.70 0.44 5.01
CA MET B 226 -23.82 0.10 3.94
C MET B 226 -22.46 0.34 4.41
N VAL B 227 -22.21 1.51 4.94
CA VAL B 227 -20.87 1.87 5.24
C VAL B 227 -20.28 0.94 6.31
N ARG B 228 -21.07 0.57 7.33
CA ARG B 228 -20.64 -0.43 8.28
C ARG B 228 -20.38 -1.71 7.48
N ASP B 229 -21.38 -2.27 6.75
CA ASP B 229 -21.18 -3.55 6.19
C ASP B 229 -19.87 -3.69 5.39
N PHE B 230 -19.46 -2.66 4.60
CA PHE B 230 -18.26 -2.76 3.72
C PHE B 230 -17.04 -3.12 4.50
N GLN B 231 -16.98 -2.69 5.76
CA GLN B 231 -15.80 -2.95 6.60
C GLN B 231 -15.66 -4.42 6.99
N ARG B 232 -16.69 -5.24 6.72
CA ARG B 232 -16.66 -6.67 7.07
C ARG B 232 -15.75 -7.30 6.14
N ILE B 233 -15.61 -6.62 5.00
CA ILE B 233 -14.52 -7.01 4.20
C ILE B 233 -13.24 -7.31 5.06
N ILE B 234 -12.98 -6.55 6.14
CA ILE B 234 -11.64 -6.71 6.82
C ILE B 234 -11.52 -8.15 7.38
N GLY B 235 -12.66 -8.63 7.95
CA GLY B 235 -12.91 -9.96 8.51
C GLY B 235 -12.76 -11.06 7.50
N MET B 236 -13.33 -10.85 6.32
CA MET B 236 -13.27 -11.88 5.34
C MET B 236 -11.85 -12.15 4.85
N GLU B 237 -11.10 -11.07 4.61
CA GLU B 237 -9.75 -11.18 4.26
C GLU B 237 -8.90 -11.78 5.43
N ALA B 238 -9.10 -11.39 6.70
CA ALA B 238 -8.34 -12.04 7.71
C ALA B 238 -8.64 -13.63 7.83
N ARG B 239 -9.89 -14.01 7.80
CA ARG B 239 -10.26 -15.38 7.78
C ARG B 239 -9.64 -16.22 6.72
N VAL B 240 -9.60 -15.63 5.51
CA VAL B 240 -8.89 -16.40 4.44
C VAL B 240 -7.40 -16.59 4.69
N GLN B 241 -6.75 -15.57 5.27
CA GLN B 241 -5.26 -15.34 5.20
C GLN B 241 -4.71 -16.07 6.37
N ILE B 242 -5.36 -15.97 7.55
CA ILE B 242 -5.11 -16.87 8.62
C ILE B 242 -5.20 -18.34 8.23
N GLN B 243 -6.21 -18.75 7.47
CA GLN B 243 -6.31 -20.16 7.08
C GLN B 243 -5.13 -20.42 6.24
N GLY B 244 -4.65 -19.43 5.52
CA GLY B 244 -3.49 -19.64 4.55
C GLY B 244 -2.17 -19.74 5.25
N GLN B 245 -1.95 -18.89 6.27
CA GLN B 245 -0.62 -18.67 6.86
C GLN B 245 -0.43 -19.55 8.02
N ALA B 246 -1.44 -19.75 8.81
CA ALA B 246 -1.33 -20.73 9.88
C ALA B 246 -1.90 -22.14 9.52
N GLY B 247 -2.75 -22.34 8.48
CA GLY B 247 -3.34 -23.68 8.24
C GLY B 247 -4.54 -24.01 9.18
N ARG B 248 -4.86 -23.14 10.14
CA ARG B 248 -6.24 -23.22 10.75
C ARG B 248 -6.90 -21.86 11.05
N LEU B 249 -8.06 -21.88 11.65
CA LEU B 249 -8.72 -20.72 12.13
C LEU B 249 -8.08 -20.21 13.37
N PRO B 250 -8.19 -18.92 13.66
CA PRO B 250 -7.43 -18.52 14.87
C PRO B 250 -8.04 -19.02 16.21
N ASP B 251 -7.26 -19.01 17.29
CA ASP B 251 -7.82 -19.14 18.62
C ASP B 251 -8.46 -17.86 19.13
N ALA B 252 -8.20 -16.73 18.51
CA ALA B 252 -8.89 -15.50 18.94
C ALA B 252 -8.65 -14.41 17.85
N VAL B 253 -9.72 -13.59 17.58
CA VAL B 253 -9.65 -12.43 16.74
C VAL B 253 -9.93 -11.30 17.66
N VAL B 254 -9.20 -10.17 17.45
CA VAL B 254 -9.11 -9.11 18.47
C VAL B 254 -8.99 -7.71 17.88
N ALA B 255 -9.62 -6.76 18.52
CA ALA B 255 -9.62 -5.35 18.12
C ALA B 255 -9.76 -4.46 19.35
N CYS B 256 -9.33 -3.22 19.23
CA CYS B 256 -9.66 -2.15 20.14
C CYS B 256 -11.01 -1.73 19.77
N VAL B 257 -11.96 -1.76 20.68
CA VAL B 257 -13.34 -1.47 20.22
C VAL B 257 -13.80 -0.01 20.35
N GLY B 258 -13.83 0.56 21.57
CA GLY B 258 -14.26 2.00 21.70
C GLY B 258 -13.97 3.11 20.64
N GLY B 259 -13.37 2.78 19.48
CA GLY B 259 -13.09 3.79 18.42
C GLY B 259 -14.04 3.76 17.20
N GLY B 260 -14.94 4.78 17.13
CA GLY B 260 -15.95 4.93 16.05
C GLY B 260 -16.59 3.62 15.51
N SER B 261 -16.38 3.39 14.19
CA SER B 261 -16.47 1.98 13.57
C SER B 261 -15.20 1.60 12.71
N ASN B 262 -15.12 0.38 12.17
CA ASN B 262 -14.02 0.07 11.26
C ASN B 262 -12.81 -0.56 12.01
N ALA B 263 -12.90 -0.79 13.34
CA ALA B 263 -12.04 -1.84 13.94
C ALA B 263 -12.90 -3.10 13.98
N ILE B 264 -14.19 -2.86 14.31
CA ILE B 264 -15.21 -3.87 14.61
C ILE B 264 -15.37 -4.85 13.44
N GLY B 265 -15.15 -4.31 12.21
CA GLY B 265 -15.01 -5.02 10.92
C GLY B 265 -14.30 -6.33 10.88
N ILE B 266 -13.25 -6.48 11.69
CA ILE B 266 -12.53 -7.71 11.69
C ILE B 266 -13.35 -8.88 12.23
N PHE B 267 -14.36 -8.55 13.05
CA PHE B 267 -15.08 -9.65 13.78
C PHE B 267 -16.04 -10.50 12.96
N HIS B 268 -16.83 -9.80 12.13
CA HIS B 268 -18.10 -10.37 11.69
C HIS B 268 -17.93 -11.60 10.91
N ALA B 269 -16.87 -11.77 10.11
CA ALA B 269 -16.68 -13.07 9.41
C ALA B 269 -16.44 -14.22 10.37
N PHE B 270 -16.39 -13.98 11.69
CA PHE B 270 -15.79 -14.97 12.60
C PHE B 270 -16.78 -15.44 13.67
N LEU B 271 -17.84 -14.62 13.82
CA LEU B 271 -19.05 -14.89 14.62
C LEU B 271 -19.60 -16.34 14.55
N ASP B 272 -19.63 -16.90 13.37
CA ASP B 272 -20.05 -18.23 13.11
C ASP B 272 -19.11 -19.35 13.55
N ASP B 273 -17.82 -19.01 13.77
CA ASP B 273 -16.81 -20.01 14.01
C ASP B 273 -16.84 -20.42 15.52
N PRO B 274 -17.42 -21.60 15.80
CA PRO B 274 -17.64 -21.89 17.19
C PRO B 274 -16.27 -21.89 17.94
N GLY B 275 -15.24 -22.41 17.27
CA GLY B 275 -13.91 -22.36 17.98
C GLY B 275 -13.25 -20.99 18.24
N VAL B 276 -13.71 -19.90 17.54
CA VAL B 276 -12.96 -18.59 17.55
C VAL B 276 -13.43 -17.67 18.60
N ARG B 277 -12.57 -17.26 19.55
CA ARG B 277 -12.92 -16.20 20.58
C ARG B 277 -12.83 -14.86 19.94
N LEU B 278 -13.68 -13.95 20.35
CA LEU B 278 -13.62 -12.59 19.79
C LEU B 278 -13.59 -11.57 20.94
N VAL B 279 -12.51 -10.80 21.03
CA VAL B 279 -12.28 -9.96 22.19
C VAL B 279 -12.12 -8.50 21.89
N GLY B 280 -12.84 -7.65 22.55
CA GLY B 280 -12.75 -6.27 22.16
C GLY B 280 -12.07 -5.49 23.24
N PHE B 281 -10.91 -4.95 22.96
CA PHE B 281 -10.16 -4.37 24.01
C PHE B 281 -10.54 -2.88 24.09
N GLU B 282 -10.95 -2.51 25.28
CA GLU B 282 -11.54 -1.18 25.60
C GLU B 282 -10.46 -0.35 26.26
N ALA B 283 -10.39 0.90 25.82
CA ALA B 283 -9.46 1.88 26.39
C ALA B 283 -9.78 2.29 27.86
N ALA B 284 -9.43 1.50 28.89
CA ALA B 284 -9.85 1.74 30.32
C ALA B 284 -9.18 2.97 30.90
N GLY B 285 -8.21 2.80 31.82
CA GLY B 285 -7.31 3.95 32.31
C GLY B 285 -7.39 4.30 33.83
N ASP B 286 -6.47 3.67 34.64
CA ASP B 286 -6.47 3.64 36.17
C ASP B 286 -7.31 2.49 36.80
N ARG B 347 -21.36 -11.61 22.63
CA ARG B 347 -20.64 -12.49 21.68
C ARG B 347 -19.15 -12.18 21.67
N VAL B 348 -18.76 -10.96 22.05
CA VAL B 348 -17.36 -10.57 22.16
C VAL B 348 -17.02 -10.26 23.66
N ASP B 349 -15.98 -10.85 24.29
CA ASP B 349 -15.69 -10.28 25.59
C ASP B 349 -15.12 -8.86 25.45
N TYR B 350 -15.72 -7.90 26.17
CA TYR B 350 -15.09 -6.65 26.42
C TYR B 350 -14.21 -6.82 27.59
N ARG B 351 -13.00 -6.26 27.48
CA ARG B 351 -12.00 -6.35 28.54
C ARG B 351 -11.30 -5.00 28.54
N PRO B 352 -10.68 -4.58 29.66
CA PRO B 352 -10.10 -3.22 29.73
C PRO B 352 -8.55 -3.26 29.64
N ILE B 353 -7.94 -2.16 29.24
CA ILE B 353 -6.51 -2.11 29.07
C ILE B 353 -6.16 -0.72 29.59
N THR B 354 -5.13 -0.65 30.42
CA THR B 354 -4.74 0.63 31.01
C THR B 354 -3.77 1.44 30.20
N ASP B 355 -3.88 2.77 30.27
CA ASP B 355 -2.87 3.64 29.74
C ASP B 355 -1.43 2.93 29.77
N SER B 356 -1.03 2.26 30.85
CA SER B 356 0.33 1.64 30.90
C SER B 356 0.51 0.43 30.06
N GLU B 357 -0.37 -0.52 30.23
CA GLU B 357 -0.43 -1.73 29.40
C GLU B 357 -0.34 -1.44 27.83
N ALA B 358 -1.13 -0.48 27.40
CA ALA B 358 -1.04 -0.05 26.07
C ALA B 358 0.35 0.60 25.70
N MET B 359 0.95 1.43 26.55
CA MET B 359 2.23 1.99 26.24
C MET B 359 3.28 0.94 26.33
N ASP B 360 3.26 0.07 27.34
CA ASP B 360 4.27 -0.93 27.12
C ASP B 360 4.12 -1.72 25.77
N ALA B 361 2.87 -2.00 25.39
CA ALA B 361 2.68 -2.76 24.18
C ALA B 361 3.22 -1.97 22.97
N PHE B 362 3.03 -0.65 23.01
CA PHE B 362 3.44 0.26 22.00
C PHE B 362 4.96 0.18 21.74
N GLY B 363 5.77 0.39 22.79
CA GLY B 363 7.15 0.66 22.60
C GLY B 363 7.66 -0.65 22.22
N LEU B 364 7.12 -1.72 22.81
CA LEU B 364 7.46 -3.10 22.48
C LEU B 364 7.18 -3.49 20.98
N LEU B 365 6.09 -3.01 20.36
CA LEU B 365 5.99 -3.03 18.90
C LEU B 365 7.03 -2.21 18.10
N CYS B 366 7.32 -1.01 18.58
CA CYS B 366 8.38 -0.23 17.96
C CYS B 366 9.73 -0.98 17.95
N ARG B 367 10.01 -1.67 19.05
CA ARG B 367 11.31 -2.28 19.16
C ARG B 367 11.27 -3.62 18.59
N MET B 368 10.30 -4.43 18.92
CA MET B 368 10.46 -5.79 18.42
C MET B 368 10.16 -5.85 16.93
N GLU B 369 9.36 -4.88 16.43
CA GLU B 369 8.78 -5.09 15.08
C GLU B 369 9.10 -3.96 14.07
N GLY B 370 9.39 -2.75 14.58
CA GLY B 370 9.81 -1.70 13.73
C GLY B 370 8.57 -0.95 13.23
N ILE B 371 7.36 -1.27 13.75
CA ILE B 371 6.15 -0.77 13.23
C ILE B 371 5.80 0.17 14.32
N ILE B 372 5.38 1.39 13.99
CA ILE B 372 4.81 2.29 14.99
C ILE B 372 3.24 2.35 14.99
N PRO B 373 2.64 1.87 16.10
CA PRO B 373 1.22 1.69 16.09
C PRO B 373 0.46 2.98 16.42
N ALA B 374 -0.71 3.20 15.82
CA ALA B 374 -1.81 4.00 16.48
C ALA B 374 -1.94 3.71 17.97
N ILE B 375 -2.11 4.71 18.87
CA ILE B 375 -2.46 4.37 20.30
C ILE B 375 -3.66 3.47 20.46
N GLU B 376 -4.71 3.86 19.74
CA GLU B 376 -5.80 2.97 19.63
C GLU B 376 -5.32 1.51 19.59
N SER B 377 -4.32 1.15 18.77
CA SER B 377 -4.10 -0.27 18.45
C SER B 377 -3.19 -0.87 19.42
N ALA B 378 -2.36 -0.02 19.96
CA ALA B 378 -1.54 -0.55 20.98
C ALA B 378 -2.47 -1.33 22.04
N HIS B 379 -3.65 -0.76 22.39
CA HIS B 379 -4.52 -1.45 23.41
C HIS B 379 -4.78 -2.85 22.99
N ALA B 380 -5.06 -2.97 21.70
CA ALA B 380 -5.31 -4.26 21.16
C ALA B 380 -4.07 -5.17 21.15
N VAL B 381 -2.88 -4.60 20.89
CA VAL B 381 -1.64 -5.47 20.84
C VAL B 381 -1.41 -5.87 22.25
N ALA B 382 -1.75 -4.97 23.14
CA ALA B 382 -1.44 -5.24 24.55
C ALA B 382 -2.22 -6.46 25.00
N GLY B 383 -3.47 -6.50 24.55
CA GLY B 383 -4.44 -7.53 24.91
C GLY B 383 -4.11 -8.75 24.15
N ALA B 384 -3.72 -8.66 22.88
CA ALA B 384 -3.34 -9.85 22.17
C ALA B 384 -2.25 -10.52 23.02
N LEU B 385 -1.38 -9.68 23.58
CA LEU B 385 -0.24 -10.14 24.34
C LEU B 385 -0.74 -10.81 25.64
N LYS B 386 -1.71 -10.13 26.29
CA LYS B 386 -2.31 -10.74 27.52
C LYS B 386 -2.87 -12.10 27.12
N LEU B 387 -3.77 -12.06 26.17
CA LEU B 387 -4.34 -13.27 25.67
C LEU B 387 -3.38 -14.47 25.38
N GLY B 388 -2.24 -14.24 24.76
CA GLY B 388 -1.38 -15.35 24.34
C GLY B 388 -0.65 -15.95 25.53
N VAL B 389 -0.29 -15.09 26.51
CA VAL B 389 0.29 -15.60 27.78
C VAL B 389 -0.75 -16.61 28.36
N GLU B 390 -2.02 -16.24 28.19
CA GLU B 390 -3.07 -16.79 28.95
C GLU B 390 -3.60 -18.03 28.21
N LEU B 391 -3.17 -18.23 26.97
CA LEU B 391 -3.67 -19.28 26.08
C LEU B 391 -2.48 -20.21 25.75
N GLY B 392 -1.28 -19.65 25.79
CA GLY B 392 -0.04 -20.43 25.78
C GLY B 392 0.45 -20.75 24.41
N ARG B 393 0.99 -21.93 24.21
CA ARG B 393 1.91 -22.16 23.09
C ARG B 393 1.15 -22.46 21.75
N GLY B 394 1.56 -21.87 20.63
CA GLY B 394 0.77 -22.13 19.37
C GLY B 394 -0.68 -21.61 19.32
N ALA B 395 -1.13 -20.98 20.39
CA ALA B 395 -2.30 -20.15 20.22
C ALA B 395 -2.03 -19.24 19.01
N VAL B 396 -3.07 -19.02 18.22
CA VAL B 396 -3.10 -18.13 17.05
C VAL B 396 -4.05 -16.97 17.32
N ILE B 397 -3.49 -15.76 17.52
CA ILE B 397 -4.26 -14.47 17.82
C ILE B 397 -4.12 -13.55 16.60
N VAL B 398 -5.21 -13.32 15.89
CA VAL B 398 -5.26 -12.24 14.86
C VAL B 398 -5.66 -10.93 15.53
N VAL B 399 -4.88 -9.87 15.23
CA VAL B 399 -5.11 -8.50 15.75
C VAL B 399 -5.33 -7.39 14.68
N ASN B 400 -6.35 -6.56 14.84
CA ASN B 400 -6.58 -5.51 13.88
C ASN B 400 -5.58 -4.31 14.10
N LEU B 401 -4.64 -3.99 13.22
CA LEU B 401 -3.91 -2.77 13.50
C LEU B 401 -4.70 -1.65 12.83
N SER B 402 -5.52 -0.94 13.58
CA SER B 402 -6.38 -0.03 12.85
C SER B 402 -5.71 1.26 12.94
N GLY B 403 -5.35 1.74 11.78
CA GLY B 403 -5.47 3.17 11.55
C GLY B 403 -4.12 3.70 11.81
N ARG B 404 -4.03 4.99 12.10
CA ARG B 404 -3.11 5.88 11.43
C ARG B 404 -2.01 6.28 12.39
N GLY B 405 -0.88 5.59 12.31
CA GLY B 405 0.16 5.72 13.31
C GLY B 405 0.93 7.01 13.19
N ASP B 406 0.30 8.01 12.57
CA ASP B 406 0.89 9.34 12.44
C ASP B 406 0.57 10.23 13.65
N LYS B 407 1.55 10.36 14.53
CA LYS B 407 1.43 11.23 15.70
C LYS B 407 0.06 11.09 16.35
N ASP B 408 -0.26 9.88 16.78
CA ASP B 408 -0.11 9.48 18.17
C ASP B 408 1.33 9.45 18.66
N VAL B 409 2.22 10.08 17.92
CA VAL B 409 3.64 9.92 18.15
C VAL B 409 4.12 10.97 19.11
N GLU B 410 3.74 12.21 18.82
CA GLU B 410 3.47 13.30 19.76
C GLU B 410 3.20 12.77 21.17
N THR B 411 2.26 11.95 21.22
CA THR B 411 1.83 11.53 22.55
C THR B 411 2.74 10.52 23.12
N ALA B 412 3.18 9.60 22.24
CA ALA B 412 3.94 8.47 22.67
C ALA B 412 5.29 8.97 23.14
N ALA B 413 5.89 9.90 22.38
CA ALA B 413 7.23 10.35 22.79
C ALA B 413 7.15 11.20 24.07
N LYS B 414 5.98 11.81 24.33
CA LYS B 414 5.86 12.31 25.70
C LYS B 414 5.85 11.10 26.65
N TRP B 415 4.97 10.13 26.47
CA TRP B 415 4.95 9.07 27.46
C TRP B 415 6.35 8.69 28.02
N PHE B 416 7.43 8.83 27.20
CA PHE B 416 8.84 8.50 27.63
C PHE B 416 9.85 9.69 27.83
#